data_2R3E
#
_entry.id   2R3E
#
_cell.length_a   109.888
_cell.length_b   109.888
_cell.length_c   54.193
_cell.angle_alpha   90.000
_cell.angle_beta   90.000
_cell.angle_gamma   90.000
#
_symmetry.space_group_name_H-M   'I 4'
#
loop_
_entity.id
_entity.type
_entity.pdbx_description
1 polymer 'YjeF-related protein'
2 non-polymer 1,2-ETHANEDIOL
3 water water
#
_entity_poly.entity_id   1
_entity_poly.type   'polypeptide(L)'
_entity_poly.pdbx_seq_one_letter_code
;(MSE)GSDKIHHHHHHENLYFQG(MSE)RYLSKDILEEVITQRPSDSYKSNFGRVVLIGGNRQYGGAII(MSE)STEACI
NSGAGLTTVITDVKNHGPLHARCPEA(MSE)VVGFEETVLLTNVVEQADVILIGPGLGLDATAQQILK(MSE)VLAQHQK
QQWLIIDGSAITLFSQGNFSLTYPEKVVFTPHQ(MSE)EWQRLSHLPIEQQTLANNQRQQAKLGSTIVLKSHRTTIFHAG
EPFQNTGGNPG(MSE)ATGGTGDTLAGIIAGFLAQFKPTIETIAGAVYLHSLIGDDLAKTDYVVLPTKISQALPTY
(MSE)KKYAQPHTAPDSELLEQKRSR
;
_entity_poly.pdbx_strand_id   A
#
# COMPACT_ATOMS: atom_id res chain seq x y z
N ARG A 21 18.76 8.84 0.69
CA ARG A 21 18.18 9.87 -0.19
C ARG A 21 17.04 10.55 0.53
N TYR A 22 17.16 11.86 0.72
CA TYR A 22 16.10 12.66 1.33
C TYR A 22 15.08 13.04 0.24
N LEU A 23 13.83 12.65 0.44
CA LEU A 23 12.83 12.81 -0.62
C LEU A 23 12.45 14.29 -0.87
N SER A 24 12.25 14.60 -2.14
CA SER A 24 11.78 15.89 -2.59
C SER A 24 10.98 15.67 -3.87
N LYS A 25 10.43 16.74 -4.44
CA LYS A 25 9.58 16.60 -5.63
C LYS A 25 10.30 15.86 -6.76
N ASP A 26 11.63 15.89 -6.77
CA ASP A 26 12.37 15.19 -7.82
C ASP A 26 12.02 13.68 -7.88
N ILE A 27 11.62 13.08 -6.75
CA ILE A 27 11.17 11.69 -6.78
C ILE A 27 9.92 11.55 -7.61
N LEU A 28 9.07 12.58 -7.57
CA LEU A 28 7.82 12.56 -8.32
C LEU A 28 8.08 12.72 -9.81
N GLU A 29 9.01 13.60 -10.20
CA GLU A 29 9.32 13.80 -11.61
C GLU A 29 10.00 12.55 -12.19
N GLU A 30 10.71 11.82 -11.33
CA GLU A 30 11.37 10.60 -11.72
C GLU A 30 10.40 9.46 -11.95
N VAL A 31 9.43 9.33 -11.05
CA VAL A 31 8.58 8.14 -11.00
C VAL A 31 7.36 8.29 -11.91
N ILE A 32 6.74 9.46 -11.89
CA ILE A 32 5.46 9.66 -12.57
C ILE A 32 5.69 10.05 -14.02
N THR A 33 5.58 9.06 -14.88
CA THR A 33 5.83 9.23 -16.30
C THR A 33 4.54 9.60 -17.08
N GLN A 34 4.71 10.40 -18.13
CA GLN A 34 3.61 10.66 -19.06
C GLN A 34 3.23 9.38 -19.75
N ARG A 35 1.94 9.05 -19.77
CA ARG A 35 1.45 7.86 -20.46
C ARG A 35 1.65 7.98 -21.98
N PRO A 36 2.04 6.89 -22.64
CA PRO A 36 2.09 6.88 -24.14
C PRO A 36 0.69 7.07 -24.74
N SER A 37 0.61 7.81 -25.85
CA SER A 37 -0.66 8.07 -26.56
C SER A 37 -1.53 6.82 -26.81
N ASP A 38 -0.88 5.68 -27.08
CA ASP A 38 -1.58 4.42 -27.41
C ASP A 38 -1.56 3.43 -26.23
N SER A 39 -2.14 3.84 -25.10
CA SER A 39 -2.14 3.03 -23.88
C SER A 39 -3.53 2.43 -23.59
N TYR A 40 -3.56 1.25 -22.99
CA TYR A 40 -4.82 0.56 -22.60
C TYR A 40 -4.79 0.26 -21.09
N LYS A 41 -5.97 0.03 -20.50
CA LYS A 41 -6.11 -0.18 -19.03
C LYS A 41 -5.09 -1.13 -18.41
N SER A 42 -4.94 -2.31 -19.01
CA SER A 42 -4.09 -3.37 -18.43
C SER A 42 -2.61 -2.95 -18.39
N ASN A 43 -2.16 -2.12 -19.35
CA ASN A 43 -0.81 -1.51 -19.28
C ASN A 43 -0.61 -0.86 -17.93
N PHE A 44 -1.71 -0.39 -17.33
CA PHE A 44 -1.68 0.33 -16.08
C PHE A 44 -1.99 -0.53 -14.85
N GLY A 45 -1.93 -1.85 -15.05
CA GLY A 45 -1.84 -2.82 -13.96
C GLY A 45 -3.18 -3.22 -13.40
N ARG A 46 -3.22 -4.45 -12.91
CA ARG A 46 -4.36 -5.05 -12.23
C ARG A 46 -4.01 -5.19 -10.76
N VAL A 47 -4.80 -4.52 -9.92
CA VAL A 47 -4.60 -4.49 -8.47
C VAL A 47 -5.74 -5.22 -7.78
N VAL A 48 -5.40 -6.09 -6.82
CA VAL A 48 -6.35 -6.69 -5.93
C VAL A 48 -6.06 -6.18 -4.52
N LEU A 49 -7.06 -5.58 -3.89
CA LEU A 49 -6.97 -5.07 -2.54
C LEU A 49 -7.78 -6.01 -1.69
N ILE A 50 -7.18 -6.46 -0.59
CA ILE A 50 -7.79 -7.44 0.29
C ILE A 50 -7.85 -6.93 1.74
N GLY A 51 -9.03 -6.88 2.29
CA GLY A 51 -9.23 -6.41 3.64
C GLY A 51 -10.69 -6.06 3.87
N GLY A 52 -10.95 -5.31 4.94
CA GLY A 52 -12.28 -4.91 5.31
C GLY A 52 -13.14 -6.03 5.83
N ASN A 53 -12.95 -6.36 7.10
CA ASN A 53 -13.87 -7.25 7.79
C ASN A 53 -15.19 -6.55 8.10
N ARG A 54 -16.06 -7.16 8.94
CA ARG A 54 -17.40 -6.58 9.13
C ARG A 54 -17.46 -5.29 9.93
N GLN A 55 -16.42 -5.03 10.71
CA GLN A 55 -16.31 -3.81 11.50
C GLN A 55 -15.52 -2.69 10.83
N TYR A 56 -14.58 -3.04 9.94
CA TYR A 56 -13.60 -2.09 9.41
C TYR A 56 -13.66 -1.95 7.91
N GLY A 57 -14.85 -2.13 7.34
CA GLY A 57 -15.03 -2.03 5.91
C GLY A 57 -14.60 -0.71 5.31
N GLY A 58 -14.75 0.35 6.08
CA GLY A 58 -14.33 1.69 5.64
C GLY A 58 -12.88 1.78 5.29
N ALA A 59 -12.03 1.02 5.99
CA ALA A 59 -10.61 1.01 5.71
C ALA A 59 -10.31 0.57 4.26
N ILE A 60 -10.92 -0.53 3.83
CA ILE A 60 -10.68 -1.02 2.49
C ILE A 60 -11.32 -0.07 1.47
N ILE A 61 -12.42 0.57 1.81
CA ILE A 61 -13.00 1.56 0.90
C ILE A 61 -12.03 2.74 0.71
N SER A 63 -8.69 2.66 0.97
CA SER A 63 -7.57 2.17 0.13
C SER A 63 -8.00 2.11 -1.35
N THR A 64 -9.22 1.68 -1.60
CA THR A 64 -9.76 1.55 -2.97
C THR A 64 -9.86 2.90 -3.65
N GLU A 65 -10.40 3.87 -2.92
CA GLU A 65 -10.52 5.22 -3.46
C GLU A 65 -9.17 5.82 -3.86
N ALA A 66 -8.15 5.61 -3.01
CA ALA A 66 -6.77 6.03 -3.24
C ALA A 66 -6.18 5.33 -4.46
N CYS A 67 -6.39 4.01 -4.57
CA CYS A 67 -5.85 3.23 -5.69
C CYS A 67 -6.42 3.66 -7.06
N ILE A 68 -7.72 3.81 -7.12
CA ILE A 68 -8.40 4.30 -8.33
C ILE A 68 -7.97 5.71 -8.71
N ASN A 69 -7.93 6.61 -7.75
CA ASN A 69 -7.55 8.00 -7.98
C ASN A 69 -6.09 8.14 -8.38
N SER A 70 -5.26 7.19 -7.93
CA SER A 70 -3.85 7.16 -8.27
C SER A 70 -3.55 6.75 -9.72
N GLY A 71 -4.52 6.17 -10.41
CA GLY A 71 -4.38 5.77 -11.81
C GLY A 71 -4.28 4.26 -12.11
N ALA A 72 -4.50 3.39 -11.12
CA ALA A 72 -4.45 1.95 -11.34
C ALA A 72 -5.43 1.56 -12.45
N GLY A 73 -5.02 0.65 -13.33
CA GLY A 73 -5.83 0.34 -14.51
C GLY A 73 -7.17 -0.28 -14.14
N LEU A 74 -7.09 -1.28 -13.28
CA LEU A 74 -8.22 -2.10 -12.89
C LEU A 74 -8.03 -2.44 -11.43
N THR A 75 -9.05 -2.20 -10.63
CA THR A 75 -9.00 -2.42 -9.20
C THR A 75 -10.09 -3.41 -8.84
N THR A 76 -9.71 -4.51 -8.18
CA THR A 76 -10.65 -5.49 -7.66
C THR A 76 -10.46 -5.54 -6.14
N VAL A 77 -11.57 -5.59 -5.43
CA VAL A 77 -11.57 -5.57 -3.97
C VAL A 77 -12.15 -6.87 -3.42
N ILE A 78 -11.37 -7.58 -2.61
CA ILE A 78 -11.86 -8.77 -1.87
C ILE A 78 -12.12 -8.31 -0.46
N THR A 79 -13.41 -8.26 -0.10
CA THR A 79 -13.81 -7.76 1.18
C THR A 79 -15.12 -8.36 1.55
N ASP A 80 -15.47 -8.30 2.85
CA ASP A 80 -16.77 -8.81 3.27
C ASP A 80 -17.91 -8.26 2.43
N VAL A 81 -18.84 -9.15 2.02
CA VAL A 81 -19.98 -8.74 1.18
C VAL A 81 -20.80 -7.62 1.84
N LYS A 82 -20.77 -7.52 3.15
CA LYS A 82 -21.38 -6.38 3.87
C LYS A 82 -20.93 -5.03 3.33
N ASN A 83 -19.67 -4.97 2.89
CA ASN A 83 -19.02 -3.73 2.49
C ASN A 83 -19.19 -3.38 1.02
N HIS A 84 -19.81 -4.26 0.23
CA HIS A 84 -19.85 -4.00 -1.23
C HIS A 84 -20.72 -2.81 -1.60
N GLY A 85 -21.83 -2.65 -0.87
CA GLY A 85 -22.78 -1.57 -1.12
C GLY A 85 -22.18 -0.20 -0.88
N PRO A 86 -21.71 0.08 0.35
CA PRO A 86 -21.02 1.39 0.49
C PRO A 86 -19.76 1.61 -0.35
N LEU A 87 -19.03 0.53 -0.63
CA LEU A 87 -17.89 0.64 -1.51
C LEU A 87 -18.30 1.09 -2.91
N HIS A 88 -19.33 0.44 -3.51
CA HIS A 88 -19.86 0.89 -4.78
C HIS A 88 -20.54 2.29 -4.78
N ALA A 89 -21.12 2.71 -3.67
CA ALA A 89 -21.64 4.07 -3.58
C ALA A 89 -20.54 5.10 -3.80
N ARG A 90 -19.32 4.80 -3.35
CA ARG A 90 -18.18 5.74 -3.45
C ARG A 90 -17.23 5.37 -4.60
N CYS A 91 -17.10 4.08 -4.93
CA CYS A 91 -16.11 3.61 -5.87
C CYS A 91 -16.68 2.66 -6.87
N PRO A 92 -17.51 3.14 -7.83
CA PRO A 92 -18.13 2.24 -8.79
C PRO A 92 -17.16 1.60 -9.79
N GLU A 93 -15.95 2.12 -9.86
CA GLU A 93 -14.91 1.61 -10.75
C GLU A 93 -14.37 0.25 -10.30
N ALA A 94 -14.62 -0.15 -9.05
CA ALA A 94 -14.05 -1.38 -8.49
C ALA A 94 -14.94 -2.59 -8.74
N VAL A 96 -16.02 -6.17 -7.12
CA VAL A 96 -16.13 -6.62 -5.76
C VAL A 96 -16.28 -8.15 -5.71
N VAL A 97 -15.54 -8.75 -4.79
CA VAL A 97 -15.57 -10.16 -4.52
C VAL A 97 -15.61 -10.35 -3.02
N GLY A 98 -16.53 -11.19 -2.59
CA GLY A 98 -16.61 -11.55 -1.17
C GLY A 98 -15.66 -12.63 -0.74
N PHE A 99 -15.43 -12.65 0.56
CA PHE A 99 -14.53 -13.62 1.12
C PHE A 99 -14.98 -15.09 0.89
N GLU A 100 -16.28 -15.32 0.77
CA GLU A 100 -16.88 -16.64 0.51
C GLU A 100 -16.81 -17.14 -0.95
N GLU A 101 -16.43 -16.27 -1.88
CA GLU A 101 -16.35 -16.63 -3.31
C GLU A 101 -14.98 -17.22 -3.60
N THR A 102 -14.72 -18.38 -3.00
CA THR A 102 -13.39 -18.98 -2.98
CA THR A 102 -13.39 -19.00 -2.97
C THR A 102 -12.71 -19.11 -4.34
N VAL A 103 -13.45 -19.55 -5.33
CA VAL A 103 -12.86 -19.80 -6.65
C VAL A 103 -12.52 -18.48 -7.33
N LEU A 104 -13.46 -17.54 -7.32
CA LEU A 104 -13.26 -16.23 -7.92
C LEU A 104 -12.14 -15.46 -7.22
N LEU A 105 -12.12 -15.48 -5.90
CA LEU A 105 -11.08 -14.73 -5.22
C LEU A 105 -9.70 -15.28 -5.51
N THR A 106 -9.58 -16.62 -5.55
CA THR A 106 -8.35 -17.28 -5.93
C THR A 106 -7.92 -16.82 -7.32
N ASN A 107 -8.88 -16.75 -8.25
CA ASN A 107 -8.59 -16.37 -9.64
C ASN A 107 -8.11 -14.92 -9.76
N VAL A 108 -8.75 -13.99 -9.06
CA VAL A 108 -8.39 -12.58 -9.17
C VAL A 108 -7.01 -12.32 -8.60
N VAL A 109 -6.64 -13.06 -7.55
CA VAL A 109 -5.33 -12.97 -6.92
C VAL A 109 -4.25 -13.49 -7.85
N GLU A 110 -4.54 -14.60 -8.54
CA GLU A 110 -3.58 -15.19 -9.49
C GLU A 110 -3.28 -14.24 -10.64
N GLN A 111 -4.32 -13.53 -11.08
CA GLN A 111 -4.20 -12.64 -12.21
C GLN A 111 -3.68 -11.26 -11.85
N ALA A 112 -3.56 -10.97 -10.56
CA ALA A 112 -3.16 -9.64 -10.09
C ALA A 112 -1.70 -9.31 -10.40
N ASP A 113 -1.43 -8.07 -10.76
CA ASP A 113 -0.07 -7.54 -10.86
C ASP A 113 0.42 -7.06 -9.51
N VAL A 114 -0.49 -6.44 -8.75
CA VAL A 114 -0.23 -5.95 -7.40
C VAL A 114 -1.31 -6.44 -6.46
N ILE A 115 -0.90 -6.96 -5.31
CA ILE A 115 -1.82 -7.37 -4.23
C ILE A 115 -1.48 -6.53 -3.00
N LEU A 116 -2.50 -5.86 -2.47
CA LEU A 116 -2.40 -5.23 -1.17
C LEU A 116 -3.29 -6.01 -0.21
N ILE A 117 -2.71 -6.48 0.89
CA ILE A 117 -3.49 -7.18 1.90
C ILE A 117 -3.29 -6.49 3.23
N GLY A 118 -4.40 -6.21 3.93
CA GLY A 118 -4.30 -5.68 5.30
C GLY A 118 -5.28 -4.62 5.79
N PRO A 119 -5.63 -3.62 4.96
CA PRO A 119 -6.52 -2.52 5.47
C PRO A 119 -7.84 -3.05 6.01
N GLY A 120 -8.10 -2.76 7.28
CA GLY A 120 -9.32 -3.23 7.93
C GLY A 120 -9.45 -4.74 8.01
N LEU A 121 -8.36 -5.48 7.75
CA LEU A 121 -8.48 -6.95 7.65
C LEU A 121 -8.82 -7.65 8.97
N GLY A 122 -8.37 -7.14 10.09
CA GLY A 122 -8.55 -7.89 11.34
C GLY A 122 -7.72 -9.18 11.42
N LEU A 123 -8.00 -10.02 12.42
CA LEU A 123 -7.07 -11.05 12.87
C LEU A 123 -7.62 -12.47 12.96
N ASP A 124 -8.78 -12.69 12.35
CA ASP A 124 -9.55 -13.95 12.45
C ASP A 124 -9.02 -15.02 11.49
N ALA A 125 -9.65 -16.19 11.49
CA ALA A 125 -9.16 -17.35 10.75
C ALA A 125 -9.26 -17.18 9.26
N THR A 126 -10.34 -16.56 8.81
CA THR A 126 -10.50 -16.35 7.38
C THR A 126 -9.38 -15.43 6.91
N ALA A 127 -9.13 -14.36 7.66
CA ALA A 127 -7.98 -13.50 7.44
C ALA A 127 -6.65 -14.27 7.36
N GLN A 128 -6.43 -15.21 8.29
CA GLN A 128 -5.19 -15.97 8.25
C GLN A 128 -5.11 -16.86 7.01
N GLN A 129 -6.24 -17.47 6.64
CA GLN A 129 -6.26 -18.34 5.47
C GLN A 129 -5.99 -17.62 4.17
N ILE A 130 -6.57 -16.42 4.03
CA ILE A 130 -6.38 -15.63 2.82
C ILE A 130 -4.91 -15.23 2.68
N LEU A 131 -4.33 -14.72 3.76
CA LEU A 131 -2.89 -14.39 3.77
C LEU A 131 -2.05 -15.63 3.40
N LYS A 132 -2.33 -16.76 4.03
CA LYS A 132 -1.63 -18.01 3.68
C LYS A 132 -1.77 -18.33 2.20
N VAL A 134 -2.41 -16.20 -0.24
CA VAL A 134 -1.72 -15.18 -1.03
C VAL A 134 -0.23 -15.45 -1.09
N LEU A 135 0.33 -15.74 0.07
CA LEU A 135 1.74 -15.99 0.20
C LEU A 135 2.13 -17.24 -0.55
N ALA A 136 1.33 -18.30 -0.42
CA ALA A 136 1.59 -19.57 -1.11
C ALA A 136 1.68 -19.37 -2.62
N GLN A 137 0.77 -18.59 -3.20
CA GLN A 137 0.71 -18.42 -4.68
C GLN A 137 1.57 -17.27 -5.22
N HIS A 138 2.17 -16.49 -4.34
CA HIS A 138 2.84 -15.29 -4.76
C HIS A 138 3.84 -15.65 -5.86
N GLN A 139 3.76 -14.92 -6.97
CA GLN A 139 4.67 -15.18 -8.07
C GLN A 139 5.63 -14.03 -8.24
N LYS A 140 6.75 -14.31 -8.90
CA LYS A 140 7.90 -13.41 -8.97
C LYS A 140 7.58 -12.09 -9.67
N GLN A 141 6.60 -12.13 -10.56
CA GLN A 141 6.19 -10.96 -11.30
C GLN A 141 5.21 -10.08 -10.51
N GLN A 142 4.71 -10.55 -9.37
CA GLN A 142 3.70 -9.80 -8.59
C GLN A 142 4.30 -9.00 -7.42
N TRP A 143 3.78 -7.81 -7.21
CA TRP A 143 4.10 -7.06 -6.00
C TRP A 143 3.14 -7.47 -4.93
N LEU A 144 3.64 -7.68 -3.72
CA LEU A 144 2.81 -7.97 -2.57
C LEU A 144 3.09 -6.95 -1.47
N ILE A 145 2.04 -6.23 -1.09
CA ILE A 145 2.09 -5.28 -0.02
C ILE A 145 1.32 -5.83 1.18
N ILE A 146 2.02 -5.92 2.29
CA ILE A 146 1.46 -6.48 3.52
C ILE A 146 1.40 -5.35 4.54
N ASP A 147 0.17 -5.01 4.95
CA ASP A 147 -0.11 -3.78 5.65
C ASP A 147 -0.92 -4.10 6.89
N GLY A 148 -0.76 -3.28 7.94
CA GLY A 148 -1.66 -3.37 9.10
C GLY A 148 -1.68 -4.74 9.77
N SER A 149 -2.88 -5.18 10.12
CA SER A 149 -3.06 -6.46 10.76
C SER A 149 -2.49 -7.63 9.95
N ALA A 150 -2.26 -7.48 8.64
CA ALA A 150 -1.61 -8.55 7.86
C ALA A 150 -0.13 -8.69 8.25
N ILE A 151 0.49 -7.62 8.74
CA ILE A 151 1.86 -7.67 9.23
C ILE A 151 1.91 -8.49 10.52
N THR A 152 0.97 -8.21 11.42
CA THR A 152 0.78 -9.00 12.62
C THR A 152 0.56 -10.48 12.34
N LEU A 153 -0.31 -10.80 11.39
CA LEU A 153 -0.56 -12.21 11.05
C LEU A 153 0.71 -12.83 10.51
N PHE A 154 1.35 -12.14 9.59
CA PHE A 154 2.57 -12.65 9.01
C PHE A 154 3.60 -12.93 10.11
N SER A 155 3.71 -12.02 11.08
CA SER A 155 4.67 -12.17 12.17
C SER A 155 4.34 -13.37 13.07
N GLN A 156 3.07 -13.74 13.16
CA GLN A 156 2.66 -14.84 14.04
C GLN A 156 2.76 -16.20 13.37
N GLY A 157 2.91 -16.22 12.05
CA GLY A 157 2.71 -17.47 11.31
C GLY A 157 3.94 -18.19 10.79
N ASN A 158 5.12 -17.67 11.08
CA ASN A 158 6.36 -18.31 10.61
C ASN A 158 6.31 -18.74 9.13
N PHE A 159 6.11 -17.77 8.25
CA PHE A 159 6.13 -18.01 6.80
C PHE A 159 7.54 -17.81 6.28
N SER A 160 7.85 -18.44 5.14
CA SER A 160 9.10 -18.15 4.44
C SER A 160 8.73 -17.65 3.04
N LEU A 161 9.08 -16.41 2.77
CA LEU A 161 8.77 -15.76 1.49
C LEU A 161 9.58 -16.36 0.35
N THR A 162 8.89 -16.70 -0.73
CA THR A 162 9.52 -17.28 -1.89
C THR A 162 10.24 -16.23 -2.73
N TYR A 163 9.62 -15.04 -2.84
CA TYR A 163 10.15 -13.93 -3.62
C TYR A 163 10.11 -12.67 -2.75
N PRO A 164 10.97 -12.61 -1.73
CA PRO A 164 10.91 -11.49 -0.75
C PRO A 164 11.23 -10.12 -1.34
N GLU A 165 11.99 -10.09 -2.42
CA GLU A 165 12.35 -8.82 -3.08
C GLU A 165 11.14 -8.08 -3.67
N LYS A 166 10.03 -8.82 -3.85
CA LYS A 166 8.77 -8.29 -4.40
C LYS A 166 7.69 -8.12 -3.31
N VAL A 167 8.08 -8.29 -2.05
CA VAL A 167 7.19 -8.05 -0.93
C VAL A 167 7.54 -6.68 -0.28
N VAL A 168 6.49 -5.98 0.11
CA VAL A 168 6.61 -4.67 0.74
C VAL A 168 5.80 -4.70 2.03
N PHE A 169 6.46 -4.39 3.14
CA PHE A 169 5.80 -4.32 4.44
C PHE A 169 5.67 -2.82 4.77
N THR A 170 4.52 -2.42 5.28
CA THR A 170 4.21 -1.03 5.62
C THR A 170 3.87 -0.89 7.12
N PRO A 171 4.80 -1.29 8.03
CA PRO A 171 4.50 -1.21 9.44
C PRO A 171 4.61 0.19 10.04
N HIS A 172 3.75 0.47 11.03
CA HIS A 172 4.10 1.53 11.97
CA HIS A 172 4.01 1.50 12.03
C HIS A 172 5.08 0.93 12.97
N GLN A 173 5.60 1.76 13.86
CA GLN A 173 6.73 1.31 14.67
C GLN A 173 6.44 0.12 15.59
N GLU A 175 4.19 -2.36 14.84
CA GLU A 175 4.14 -3.54 13.96
C GLU A 175 5.55 -3.96 13.55
N TRP A 176 6.45 -3.00 13.42
CA TRP A 176 7.84 -3.30 13.10
C TRP A 176 8.51 -3.98 14.28
N GLN A 177 8.12 -3.65 15.51
CA GLN A 177 8.61 -4.40 16.65
C GLN A 177 8.15 -5.87 16.56
N ARG A 178 6.90 -6.07 16.21
CA ARG A 178 6.38 -7.43 16.03
C ARG A 178 7.11 -8.21 14.97
N LEU A 179 7.37 -7.55 13.86
CA LEU A 179 8.01 -8.18 12.72
C LEU A 179 9.51 -8.39 12.97
N SER A 180 10.19 -7.40 13.56
CA SER A 180 11.64 -7.37 13.60
C SER A 180 12.25 -7.70 14.99
N HIS A 181 11.41 -7.69 16.02
CA HIS A 181 11.79 -7.70 17.42
C HIS A 181 12.62 -6.48 17.90
N LEU A 182 12.77 -5.46 17.05
CA LEU A 182 13.45 -4.24 17.48
C LEU A 182 12.50 -3.42 18.33
N PRO A 183 12.85 -3.16 19.61
CA PRO A 183 12.01 -2.25 20.38
C PRO A 183 12.13 -0.86 19.83
N ILE A 184 11.18 0.00 20.17
CA ILE A 184 11.14 1.34 19.58
C ILE A 184 12.48 2.07 19.64
N GLU A 185 13.10 2.05 20.81
CA GLU A 185 14.32 2.82 21.05
C GLU A 185 15.48 2.29 20.23
N GLN A 186 15.41 1.01 19.85
CA GLN A 186 16.46 0.39 19.04
C GLN A 186 16.13 0.39 17.54
N GLN A 187 15.02 1.00 17.14
CA GLN A 187 14.69 1.14 15.74
C GLN A 187 15.54 2.25 15.11
N THR A 188 16.86 1.99 15.09
CA THR A 188 17.89 2.91 14.58
C THR A 188 18.14 2.55 13.12
N LEU A 189 18.59 3.53 12.35
CA LEU A 189 18.94 3.33 10.94
C LEU A 189 19.67 2.02 10.65
N ALA A 190 20.78 1.79 11.36
CA ALA A 190 21.59 0.58 11.17
C ALA A 190 20.88 -0.71 11.56
N ASN A 191 20.16 -0.71 12.68
CA ASN A 191 19.42 -1.90 13.13
C ASN A 191 18.22 -2.19 12.21
N ASN A 192 17.55 -1.10 11.81
CA ASN A 192 16.42 -1.25 10.87
C ASN A 192 16.91 -1.90 9.58
N GLN A 193 18.07 -1.45 9.10
CA GLN A 193 18.61 -1.97 7.84
C GLN A 193 18.97 -3.44 7.95
N ARG A 194 19.58 -3.80 9.07
CA ARG A 194 19.97 -5.19 9.35
C ARG A 194 18.75 -6.10 9.36
N GLN A 195 17.66 -5.68 9.99
CA GLN A 195 16.42 -6.49 9.99
C GLN A 195 15.71 -6.57 8.64
N GLN A 196 15.77 -5.47 7.88
CA GLN A 196 15.36 -5.46 6.49
C GLN A 196 16.16 -6.52 5.72
N ALA A 197 17.48 -6.49 5.90
CA ALA A 197 18.37 -7.37 5.16
C ALA A 197 18.01 -8.82 5.48
N LYS A 198 17.67 -9.10 6.72
CA LYS A 198 17.28 -10.46 7.13
C LYS A 198 16.07 -10.95 6.34
N LEU A 199 15.08 -10.07 6.16
CA LEU A 199 13.91 -10.37 5.35
C LEU A 199 14.13 -10.36 3.85
N GLY A 200 14.97 -9.45 3.37
CA GLY A 200 15.16 -9.26 1.92
C GLY A 200 13.96 -8.62 1.22
N SER A 201 13.14 -7.91 2.00
CA SER A 201 11.91 -7.26 1.54
C SER A 201 12.03 -5.76 1.77
N THR A 202 11.11 -4.97 1.22
CA THR A 202 11.11 -3.53 1.46
C THR A 202 10.29 -3.26 2.70
N ILE A 203 10.84 -2.42 3.60
CA ILE A 203 10.16 -2.02 4.83
C ILE A 203 9.87 -0.53 4.74
N VAL A 204 8.60 -0.17 4.61
CA VAL A 204 8.16 1.25 4.67
C VAL A 204 7.82 1.47 6.13
N LEU A 205 8.80 1.99 6.88
CA LEU A 205 8.63 2.15 8.31
C LEU A 205 7.93 3.47 8.59
N LYS A 206 6.65 3.40 8.92
CA LYS A 206 5.83 4.61 9.00
C LYS A 206 6.03 5.24 10.36
N SER A 207 6.13 6.56 10.36
CA SER A 207 6.42 7.29 11.59
C SER A 207 6.13 8.74 11.28
N HIS A 208 6.58 9.64 12.15
CA HIS A 208 6.31 11.03 11.92
C HIS A 208 7.13 11.44 10.68
N ARG A 209 8.30 10.82 10.46
CA ARG A 209 9.03 10.93 9.20
C ARG A 209 9.44 9.56 8.65
N THR A 210 8.59 9.07 7.77
CA THR A 210 8.66 7.72 7.24
C THR A 210 9.99 7.44 6.49
N THR A 211 10.53 6.24 6.70
CA THR A 211 11.81 5.84 6.12
C THR A 211 11.61 4.51 5.43
N ILE A 212 12.21 4.36 4.27
CA ILE A 212 12.04 3.15 3.48
C ILE A 212 13.38 2.43 3.35
N PHE A 213 13.41 1.21 3.87
CA PHE A 213 14.59 0.36 3.84
C PHE A 213 14.44 -0.72 2.80
N HIS A 214 15.50 -0.91 2.03
CA HIS A 214 15.53 -1.89 0.98
C HIS A 214 17.00 -2.32 0.71
N ALA A 215 17.23 -3.04 -0.39
CA ALA A 215 18.58 -3.49 -0.80
C ALA A 215 19.53 -2.33 -1.04
N GLY A 216 19.01 -1.20 -1.50
CA GLY A 216 19.81 -0.04 -1.75
C GLY A 216 19.82 0.97 -0.63
N GLU A 217 20.07 2.22 -1.02
CA GLU A 217 20.24 3.35 -0.12
C GLU A 217 18.88 3.75 0.43
N PRO A 218 18.68 3.74 1.76
CA PRO A 218 17.36 4.07 2.30
C PRO A 218 16.82 5.42 1.81
N PHE A 219 15.49 5.55 1.84
CA PHE A 219 14.81 6.79 1.45
C PHE A 219 14.25 7.40 2.69
N GLN A 220 14.51 8.67 2.90
CA GLN A 220 13.94 9.35 4.02
C GLN A 220 12.91 10.37 3.58
N ASN A 221 11.66 10.13 3.96
CA ASN A 221 10.61 11.10 3.67
C ASN A 221 10.81 12.38 4.47
N THR A 222 10.42 13.50 3.89
CA THR A 222 10.57 14.82 4.49
C THR A 222 9.24 15.56 4.74
N GLY A 223 8.12 14.92 4.61
CA GLY A 223 6.89 15.60 5.02
C GLY A 223 6.07 14.81 6.01
N GLY A 224 4.86 15.29 6.28
CA GLY A 224 4.02 14.66 7.30
C GLY A 224 3.65 15.78 8.25
N ASN A 225 2.42 15.72 8.77
CA ASN A 225 2.01 16.64 9.81
C ASN A 225 1.00 15.93 10.69
N PRO A 226 0.84 16.42 11.94
CA PRO A 226 -0.09 15.79 12.90
C PRO A 226 -1.59 15.89 12.54
N GLY A 227 -1.96 16.75 11.59
CA GLY A 227 -3.34 16.78 11.01
C GLY A 227 -3.72 15.51 10.25
N ALA A 229 -2.84 12.64 11.47
CA ALA A 229 -2.93 11.65 12.52
C ALA A 229 -4.37 11.33 12.77
N THR A 230 -5.02 10.76 11.76
CA THR A 230 -6.43 10.41 11.86
C THR A 230 -6.67 9.09 11.14
N GLY A 231 -7.71 8.37 11.55
CA GLY A 231 -7.97 7.02 11.06
C GLY A 231 -8.19 7.00 9.56
N GLY A 232 -7.52 6.08 8.87
CA GLY A 232 -7.65 5.99 7.44
C GLY A 232 -6.50 6.54 6.65
N THR A 233 -5.62 7.30 7.29
CA THR A 233 -4.46 7.87 6.61
C THR A 233 -3.53 6.78 6.07
N GLY A 234 -3.33 5.72 6.84
CA GLY A 234 -2.43 4.69 6.39
C GLY A 234 -3.05 3.83 5.31
N ASP A 235 -4.38 3.68 5.37
CA ASP A 235 -5.18 2.96 4.34
C ASP A 235 -5.06 3.63 2.97
N THR A 236 -5.15 4.97 2.99
CA THR A 236 -4.95 5.80 1.79
C THR A 236 -3.55 5.61 1.22
N LEU A 237 -2.52 5.72 2.06
CA LEU A 237 -1.13 5.50 1.62
C LEU A 237 -0.95 4.13 0.97
N ALA A 238 -1.50 3.12 1.59
CA ALA A 238 -1.33 1.77 1.08
C ALA A 238 -1.96 1.66 -0.31
N GLY A 239 -3.10 2.31 -0.52
CA GLY A 239 -3.77 2.28 -1.82
C GLY A 239 -2.93 3.02 -2.87
N ILE A 240 -2.29 4.12 -2.48
CA ILE A 240 -1.41 4.91 -3.40
C ILE A 240 -0.20 4.09 -3.78
N ILE A 241 0.42 3.45 -2.79
CA ILE A 241 1.54 2.56 -3.07
C ILE A 241 1.11 1.47 -4.05
N ALA A 242 -0.02 0.81 -3.82
CA ALA A 242 -0.47 -0.22 -4.76
C ALA A 242 -0.70 0.33 -6.15
N GLY A 243 -1.37 1.47 -6.24
CA GLY A 243 -1.60 2.11 -7.55
C GLY A 243 -0.33 2.52 -8.30
N PHE A 244 0.68 2.94 -7.55
CA PHE A 244 1.95 3.38 -8.13
C PHE A 244 2.73 2.18 -8.68
N LEU A 245 2.77 1.10 -7.89
CA LEU A 245 3.42 -0.13 -8.29
C LEU A 245 2.71 -0.77 -9.48
N ALA A 246 1.39 -0.52 -9.60
CA ALA A 246 0.61 -0.99 -10.77
C ALA A 246 1.03 -0.37 -12.08
N GLN A 247 1.55 0.85 -12.04
CA GLN A 247 1.72 1.65 -13.23
C GLN A 247 3.16 1.96 -13.60
N PHE A 248 4.03 2.06 -12.60
CA PHE A 248 5.34 2.68 -12.77
C PHE A 248 6.44 1.63 -12.65
N LYS A 249 7.69 2.07 -12.78
CA LYS A 249 8.82 1.15 -12.84
C LYS A 249 8.87 0.28 -11.59
N PRO A 250 9.23 -1.01 -11.73
CA PRO A 250 9.29 -1.90 -10.57
C PRO A 250 10.61 -1.75 -9.78
N THR A 251 10.85 -0.56 -9.28
CA THR A 251 11.97 -0.24 -8.42
C THR A 251 11.45 0.45 -7.17
N ILE A 252 12.23 0.46 -6.11
CA ILE A 252 11.74 0.95 -4.84
C ILE A 252 11.55 2.48 -4.87
N GLU A 253 12.18 3.18 -5.80
CA GLU A 253 11.89 4.60 -6.03
C GLU A 253 10.38 4.88 -6.23
N THR A 254 9.65 3.93 -6.84
CA THR A 254 8.21 4.10 -7.13
C THR A 254 7.42 4.17 -5.81
N ILE A 255 7.82 3.33 -4.86
CA ILE A 255 7.22 3.32 -3.54
C ILE A 255 7.55 4.61 -2.80
N ALA A 256 8.80 5.08 -2.92
CA ALA A 256 9.19 6.34 -2.31
C ALA A 256 8.36 7.51 -2.89
N GLY A 257 8.04 7.46 -4.19
CA GLY A 257 7.20 8.47 -4.84
C GLY A 257 5.81 8.49 -4.24
N ALA A 258 5.26 7.31 -3.99
CA ALA A 258 3.93 7.23 -3.42
C ALA A 258 3.95 7.87 -2.03
N VAL A 259 4.94 7.50 -1.22
CA VAL A 259 5.07 7.99 0.15
C VAL A 259 5.19 9.48 0.18
N TYR A 260 6.06 9.99 -0.67
CA TYR A 260 6.27 11.42 -0.74
C TYR A 260 5.02 12.15 -1.18
N LEU A 261 4.31 11.61 -2.16
CA LEU A 261 3.13 12.33 -2.66
C LEU A 261 2.02 12.39 -1.62
N HIS A 262 1.79 11.26 -0.96
CA HIS A 262 0.83 11.19 0.14
C HIS A 262 1.04 12.32 1.14
N SER A 263 2.27 12.52 1.62
CA SER A 263 2.53 13.57 2.59
C SER A 263 2.58 14.96 2.00
N LEU A 264 2.98 15.10 0.75
CA LEU A 264 2.94 16.40 0.08
C LEU A 264 1.53 16.94 -0.01
N ILE A 265 0.60 16.10 -0.44
CA ILE A 265 -0.84 16.50 -0.48
C ILE A 265 -1.36 16.78 0.92
N GLY A 266 -1.05 15.88 1.86
CA GLY A 266 -1.41 16.09 3.28
C GLY A 266 -0.94 17.41 3.85
N ASP A 267 0.33 17.70 3.61
CA ASP A 267 0.93 18.94 4.10
C ASP A 267 0.30 20.14 3.46
N ASP A 268 0.03 20.07 2.15
CA ASP A 268 -0.72 21.15 1.53
C ASP A 268 -2.13 21.33 2.10
N LEU A 269 -2.89 20.24 2.27
CA LEU A 269 -4.23 20.35 2.87
C LEU A 269 -4.19 20.92 4.28
N ALA A 270 -3.17 20.53 5.04
CA ALA A 270 -3.01 20.97 6.42
C ALA A 270 -2.80 22.48 6.59
N LYS A 271 -2.43 23.16 5.51
CA LYS A 271 -2.36 24.60 5.53
C LYS A 271 -3.69 25.20 5.78
N THR A 272 -4.78 24.54 5.37
CA THR A 272 -6.11 25.13 5.54
C THR A 272 -7.01 24.34 6.48
N ASP A 273 -6.72 23.05 6.65
CA ASP A 273 -7.57 22.10 7.36
C ASP A 273 -6.85 21.62 8.61
N TYR A 274 -7.54 21.72 9.74
CA TYR A 274 -6.99 21.31 11.01
C TYR A 274 -6.70 19.83 11.07
N VAL A 275 -7.69 19.03 10.65
CA VAL A 275 -7.43 17.62 10.39
C VAL A 275 -7.58 17.41 8.90
N VAL A 276 -6.75 16.54 8.35
CA VAL A 276 -6.76 16.18 6.95
C VAL A 276 -7.48 14.85 6.74
N LEU A 277 -8.68 14.93 6.16
CA LEU A 277 -9.48 13.75 5.93
C LEU A 277 -8.86 12.96 4.78
N PRO A 278 -8.67 11.67 4.99
CA PRO A 278 -7.93 10.88 3.98
C PRO A 278 -8.58 10.88 2.59
N THR A 279 -9.90 10.91 2.53
CA THR A 279 -10.58 11.00 1.24
C THR A 279 -10.14 12.21 0.42
N LYS A 280 -9.85 13.30 1.10
CA LYS A 280 -9.36 14.51 0.44
C LYS A 280 -8.02 14.32 -0.20
N ILE A 281 -7.15 13.51 0.41
CA ILE A 281 -5.86 13.23 -0.18
C ILE A 281 -6.10 12.44 -1.48
N SER A 282 -6.89 11.37 -1.39
CA SER A 282 -7.21 10.57 -2.59
C SER A 282 -7.79 11.41 -3.72
N GLN A 283 -8.72 12.30 -3.39
CA GLN A 283 -9.39 13.12 -4.40
C GLN A 283 -8.45 14.09 -5.09
N ALA A 284 -7.36 14.47 -4.42
CA ALA A 284 -6.36 15.34 -4.99
C ALA A 284 -5.35 14.65 -5.91
N LEU A 285 -5.32 13.32 -5.96
CA LEU A 285 -4.25 12.64 -6.67
C LEU A 285 -4.18 12.99 -8.17
N PRO A 286 -5.33 12.98 -8.90
CA PRO A 286 -5.20 13.24 -10.35
C PRO A 286 -4.57 14.60 -10.68
N THR A 287 -4.90 15.67 -9.94
CA THR A 287 -4.35 17.00 -10.24
C THR A 287 -2.92 17.16 -9.81
N TYR A 288 -2.54 16.54 -8.69
CA TYR A 288 -1.13 16.55 -8.29
C TYR A 288 -0.26 15.74 -9.23
N LYS A 290 -0.69 15.05 -12.40
CA LYS A 290 -0.55 15.75 -13.66
C LYS A 290 0.57 16.82 -13.55
N LYS A 291 0.59 17.51 -12.43
CA LYS A 291 1.59 18.55 -12.18
C LYS A 291 3.03 18.03 -12.32
N TYR A 292 3.30 16.84 -11.80
CA TYR A 292 4.66 16.27 -11.78
C TYR A 292 5.01 15.29 -12.90
N ALA A 293 4.02 14.81 -13.64
CA ALA A 293 4.27 13.81 -14.65
C ALA A 293 5.39 14.27 -15.61
N GLN A 294 6.43 13.44 -15.72
CA GLN A 294 7.67 13.82 -16.41
C GLN A 294 7.43 14.18 -17.86
N PRO A 295 7.59 15.48 -18.20
CA PRO A 295 7.49 15.99 -19.56
C PRO A 295 8.63 15.48 -20.45
#